data_2DCL
#
_entry.id   2DCL
#
_cell.length_a   107.562
_cell.length_b   59.647
_cell.length_c   66.738
_cell.angle_alpha   90.00
_cell.angle_beta   122.47
_cell.angle_gamma   90.00
#
_symmetry.space_group_name_H-M   'C 1 2 1'
#
loop_
_entity.id
_entity.type
_entity.pdbx_description
1 polymer 'Hypothetical UPF0166 protein PH1503'
2 non-polymer 'ADENOSINE MONOPHOSPHATE'
3 water water
#
_entity_poly.entity_id   1
_entity_poly.type   'polypeptide(L)'
_entity_poly.pdbx_seq_one_letter_code
;MVEVEHWNTLRLRIYIGENDKWEGRPLYKVIVEKLREMGIAGATVYRGIYGFGKKSRVHSSDVIRLSTDLPIIVEVVDRG
HNIEKVVNVIKPMIKDGMITVEPTIVLWVGTQEEIKKFEEDAIAERQ
;
_entity_poly.pdbx_strand_id   A,B,C
#
loop_
_chem_comp.id
_chem_comp.type
_chem_comp.name
_chem_comp.formula
AMP non-polymer 'ADENOSINE MONOPHOSPHATE' 'C10 H14 N5 O7 P'
#
# COMPACT_ATOMS: atom_id res chain seq x y z
N VAL A 2 -10.32 -10.53 21.88
CA VAL A 2 -9.93 -11.06 20.55
C VAL A 2 -8.41 -11.23 20.49
N GLU A 3 -7.91 -11.80 19.40
CA GLU A 3 -6.49 -12.06 19.24
C GLU A 3 -5.84 -11.36 18.05
N VAL A 4 -4.61 -10.91 18.25
CA VAL A 4 -3.84 -10.24 17.21
C VAL A 4 -2.43 -10.77 17.31
N GLU A 5 -1.58 -10.46 16.34
CA GLU A 5 -0.20 -10.92 16.38
C GLU A 5 0.68 -9.91 17.10
N HIS A 6 0.48 -8.63 16.77
CA HIS A 6 1.23 -7.53 17.37
C HIS A 6 0.51 -6.20 17.22
N TRP A 7 0.56 -5.38 18.27
CA TRP A 7 -0.03 -4.05 18.23
C TRP A 7 1.09 -3.02 18.35
N ASN A 8 2.33 -3.48 18.18
CA ASN A 8 3.51 -2.65 18.32
C ASN A 8 4.32 -2.56 17.03
N THR A 9 3.74 -3.05 15.95
CA THR A 9 4.41 -3.05 14.66
C THR A 9 4.33 -1.74 13.89
N LEU A 10 5.24 -1.59 12.94
CA LEU A 10 5.28 -0.41 12.09
C LEU A 10 5.43 -0.90 10.65
N ARG A 11 4.96 -0.11 9.71
CA ARG A 11 5.07 -0.40 8.29
C ARG A 11 6.14 0.52 7.72
N LEU A 12 7.22 -0.07 7.20
CA LEU A 12 8.31 0.70 6.63
C LEU A 12 8.14 0.72 5.11
N ARG A 13 8.22 1.88 4.49
CA ARG A 13 8.10 1.96 3.03
C ARG A 13 9.27 2.69 2.40
N ILE A 14 9.98 1.95 1.56
CA ILE A 14 11.15 2.44 0.88
C ILE A 14 10.84 2.68 -0.59
N TYR A 15 10.85 3.95 -0.98
CA TYR A 15 10.58 4.35 -2.35
C TYR A 15 11.89 4.65 -3.09
N ILE A 16 12.18 3.86 -4.12
CA ILE A 16 13.39 4.07 -4.89
C ILE A 16 13.09 4.03 -6.38
N GLY A 17 14.14 3.90 -7.19
CA GLY A 17 13.98 3.86 -8.62
C GLY A 17 14.37 2.50 -9.14
N GLU A 18 13.52 1.94 -9.99
CA GLU A 18 13.75 0.63 -10.58
C GLU A 18 15.17 0.53 -11.14
N ASN A 19 15.67 1.66 -11.64
CA ASN A 19 17.00 1.71 -12.23
C ASN A 19 18.12 2.05 -11.26
N ASP A 20 17.77 2.43 -10.03
CA ASP A 20 18.77 2.74 -9.01
C ASP A 20 19.62 1.50 -8.80
N LYS A 21 20.92 1.71 -8.71
CA LYS A 21 21.86 0.62 -8.57
C LYS A 21 22.78 0.79 -7.34
N TRP A 22 23.42 -0.31 -6.94
CA TRP A 22 24.33 -0.30 -5.80
C TRP A 22 25.46 -1.29 -6.04
N GLU A 23 26.68 -0.77 -6.13
CA GLU A 23 27.85 -1.59 -6.38
C GLU A 23 27.65 -2.43 -7.63
N GLY A 24 26.79 -1.96 -8.54
CA GLY A 24 26.53 -2.67 -9.77
C GLY A 24 25.21 -3.40 -9.88
N ARG A 25 24.53 -3.60 -8.75
CA ARG A 25 23.24 -4.31 -8.73
C ARG A 25 22.04 -3.40 -8.49
N PRO A 26 20.81 -3.93 -8.70
CA PRO A 26 19.58 -3.15 -8.49
C PRO A 26 19.40 -2.85 -7.00
N LEU A 27 19.25 -1.58 -6.68
CA LEU A 27 19.10 -1.15 -5.30
C LEU A 27 18.02 -1.90 -4.51
N TYR A 28 16.93 -2.29 -5.17
CA TYR A 28 15.89 -3.00 -4.43
C TYR A 28 16.26 -4.45 -4.16
N LYS A 29 16.94 -5.08 -5.11
CA LYS A 29 17.36 -6.47 -4.92
C LYS A 29 18.39 -6.53 -3.79
N VAL A 30 19.24 -5.51 -3.69
CA VAL A 30 20.27 -5.47 -2.65
C VAL A 30 19.64 -5.27 -1.28
N ILE A 31 18.67 -4.35 -1.20
CA ILE A 31 17.99 -4.08 0.05
C ILE A 31 17.29 -5.34 0.56
N VAL A 32 16.49 -5.96 -0.31
CA VAL A 32 15.77 -7.17 0.08
C VAL A 32 16.72 -8.25 0.58
N GLU A 33 17.89 -8.35 -0.06
CA GLU A 33 18.90 -9.32 0.33
C GLU A 33 19.26 -9.02 1.79
N LYS A 34 19.61 -7.76 2.03
CA LYS A 34 19.95 -7.30 3.37
C LYS A 34 18.86 -7.71 4.35
N LEU A 35 17.65 -7.19 4.12
CA LEU A 35 16.48 -7.47 4.95
C LEU A 35 16.35 -8.95 5.29
N ARG A 36 16.69 -9.80 4.33
CA ARG A 36 16.56 -11.24 4.52
C ARG A 36 17.71 -11.79 5.37
N GLU A 37 18.85 -11.13 5.34
CA GLU A 37 19.99 -11.59 6.11
C GLU A 37 20.01 -10.98 7.52
N MET A 38 19.23 -9.92 7.73
CA MET A 38 19.15 -9.28 9.04
C MET A 38 18.03 -9.95 9.85
N GLY A 39 17.36 -10.91 9.21
CA GLY A 39 16.27 -11.63 9.87
C GLY A 39 14.97 -10.86 10.03
N ILE A 40 14.64 -9.99 9.08
CA ILE A 40 13.40 -9.21 9.15
C ILE A 40 12.17 -10.09 8.90
N ALA A 41 11.06 -9.72 9.55
CA ALA A 41 9.81 -10.47 9.44
C ALA A 41 9.48 -10.87 8.00
N GLY A 42 9.55 -9.90 7.10
CA GLY A 42 9.26 -10.17 5.70
C GLY A 42 9.28 -8.88 4.93
N ALA A 43 8.98 -8.96 3.64
CA ALA A 43 8.97 -7.77 2.80
C ALA A 43 8.10 -8.00 1.56
N THR A 44 7.56 -6.92 1.01
CA THR A 44 6.75 -6.98 -0.20
C THR A 44 7.21 -5.84 -1.10
N VAL A 45 7.58 -6.15 -2.34
CA VAL A 45 8.03 -5.13 -3.28
C VAL A 45 7.00 -4.84 -4.37
N TYR A 46 6.77 -3.56 -4.62
CA TYR A 46 5.83 -3.13 -5.64
C TYR A 46 6.52 -2.29 -6.68
N ARG A 47 5.95 -2.26 -7.88
CA ARG A 47 6.50 -1.48 -8.96
C ARG A 47 5.34 -0.63 -9.49
N GLY A 48 5.43 0.69 -9.31
CA GLY A 48 4.37 1.56 -9.78
C GLY A 48 4.43 1.62 -11.29
N ILE A 49 3.48 2.32 -11.90
CA ILE A 49 3.47 2.45 -13.35
C ILE A 49 4.12 3.77 -13.70
N TYR A 50 4.10 4.69 -12.74
CA TYR A 50 4.71 6.00 -12.93
C TYR A 50 4.95 6.66 -11.60
N GLY A 51 5.97 7.51 -11.56
CA GLY A 51 6.29 8.24 -10.35
C GLY A 51 7.23 9.40 -10.62
N PHE A 52 7.20 10.38 -9.74
CA PHE A 52 8.08 11.54 -9.84
C PHE A 52 8.33 12.03 -8.42
N GLY A 53 9.59 12.30 -8.11
CA GLY A 53 9.93 12.76 -6.76
C GLY A 53 10.80 13.99 -6.77
N THR A 68 11.51 5.07 -19.33
CA THR A 68 11.72 5.84 -18.12
C THR A 68 11.80 4.96 -16.86
N ASP A 69 12.12 5.66 -15.76
CA ASP A 69 12.30 5.05 -14.44
C ASP A 69 10.96 4.63 -13.82
N LEU A 70 10.85 3.34 -13.41
CA LEU A 70 9.66 2.90 -12.67
C LEU A 70 9.93 2.90 -11.16
N PRO A 71 9.00 3.50 -10.39
CA PRO A 71 9.15 3.56 -8.95
C PRO A 71 9.10 2.16 -8.35
N ILE A 72 9.98 1.93 -7.39
CA ILE A 72 10.02 0.64 -6.73
C ILE A 72 9.84 0.90 -5.26
N ILE A 73 8.89 0.20 -4.66
CA ILE A 73 8.57 0.39 -3.25
C ILE A 73 8.75 -0.94 -2.48
N VAL A 74 9.70 -0.98 -1.54
CA VAL A 74 9.86 -2.18 -0.74
C VAL A 74 9.13 -1.85 0.54
N GLU A 75 8.24 -2.75 0.94
CA GLU A 75 7.47 -2.54 2.13
C GLU A 75 7.87 -3.57 3.16
N VAL A 76 8.00 -3.14 4.40
CA VAL A 76 8.38 -4.03 5.49
C VAL A 76 7.56 -3.74 6.72
N VAL A 77 6.95 -4.78 7.29
CA VAL A 77 6.15 -4.65 8.51
C VAL A 77 6.87 -5.47 9.58
N ASP A 78 7.20 -4.85 10.71
CA ASP A 78 7.93 -5.58 11.74
C ASP A 78 8.00 -4.72 13.00
N ARG A 79 8.65 -5.24 14.04
CA ARG A 79 8.80 -4.48 15.27
C ARG A 79 9.49 -3.19 14.92
N GLY A 80 9.03 -2.08 15.49
CA GLY A 80 9.63 -0.81 15.16
C GLY A 80 11.12 -0.81 15.49
N HIS A 81 11.51 -1.85 16.19
CA HIS A 81 12.87 -2.02 16.64
C HIS A 81 13.78 -2.72 15.62
N ASN A 82 13.17 -3.39 14.66
CA ASN A 82 13.90 -4.03 13.57
C ASN A 82 13.89 -2.98 12.45
N ILE A 83 12.73 -2.32 12.29
CA ILE A 83 12.58 -1.30 11.26
C ILE A 83 13.70 -0.26 11.38
N GLU A 84 13.98 0.21 12.58
CA GLU A 84 15.04 1.19 12.77
C GLU A 84 16.40 0.58 12.47
N LYS A 85 16.57 -0.67 12.83
CA LYS A 85 17.83 -1.35 12.54
C LYS A 85 17.99 -1.33 11.02
N VAL A 86 16.87 -1.51 10.32
CA VAL A 86 16.85 -1.52 8.87
C VAL A 86 17.09 -0.13 8.28
N VAL A 87 16.51 0.89 8.91
CA VAL A 87 16.65 2.26 8.45
C VAL A 87 18.12 2.69 8.41
N ASN A 88 18.82 2.45 9.52
CA ASN A 88 20.22 2.81 9.61
C ASN A 88 21.03 2.26 8.44
N VAL A 89 20.94 0.95 8.24
CA VAL A 89 21.68 0.26 7.19
C VAL A 89 21.31 0.61 5.75
N ILE A 90 20.23 1.36 5.56
CA ILE A 90 19.78 1.72 4.21
C ILE A 90 19.82 3.22 3.92
N LYS A 91 19.73 4.04 4.97
CA LYS A 91 19.74 5.49 4.81
C LYS A 91 20.86 5.97 3.88
N PRO A 92 22.06 5.35 3.95
CA PRO A 92 23.17 5.75 3.09
C PRO A 92 23.06 5.26 1.65
N MET A 93 22.54 4.03 1.48
CA MET A 93 22.37 3.42 0.16
C MET A 93 21.38 4.18 -0.71
N ILE A 94 20.44 4.87 -0.08
CA ILE A 94 19.43 5.62 -0.79
C ILE A 94 19.86 7.07 -1.04
N LYS A 95 20.69 7.27 -2.05
CA LYS A 95 21.18 8.59 -2.38
C LYS A 95 20.06 9.57 -2.64
N ASP A 96 18.98 9.08 -3.22
CA ASP A 96 17.86 9.99 -3.50
C ASP A 96 16.65 9.07 -3.67
N GLY A 97 15.60 9.42 -2.93
CA GLY A 97 14.35 8.67 -2.92
C GLY A 97 13.57 9.10 -1.69
N MET A 98 12.96 8.14 -1.00
CA MET A 98 12.18 8.46 0.20
C MET A 98 11.88 7.25 1.07
N ILE A 99 11.88 7.47 2.38
CA ILE A 99 11.59 6.43 3.36
C ILE A 99 10.47 6.93 4.25
N THR A 100 9.51 6.05 4.52
CA THR A 100 8.38 6.42 5.35
C THR A 100 8.06 5.33 6.35
N VAL A 101 7.39 5.71 7.43
CA VAL A 101 7.04 4.75 8.45
C VAL A 101 5.82 5.24 9.22
N GLU A 102 4.95 4.31 9.59
CA GLU A 102 3.78 4.64 10.38
C GLU A 102 3.26 3.36 11.02
N PRO A 103 2.55 3.49 12.14
CA PRO A 103 2.01 2.34 12.86
C PRO A 103 1.01 1.51 12.08
N THR A 104 0.90 0.25 12.46
CA THR A 104 -0.04 -0.68 11.88
C THR A 104 -0.15 -1.86 12.84
N ILE A 105 -1.29 -2.51 12.84
CA ILE A 105 -1.54 -3.66 13.69
C ILE A 105 -1.53 -4.92 12.84
N VAL A 106 -0.72 -5.91 13.23
CA VAL A 106 -0.67 -7.17 12.51
C VAL A 106 -1.72 -8.05 13.20
N LEU A 107 -2.81 -8.36 12.49
CA LEU A 107 -3.88 -9.14 13.08
C LEU A 107 -3.71 -10.63 12.97
N TRP A 108 -2.94 -11.09 11.99
CA TRP A 108 -2.78 -12.52 11.81
C TRP A 108 -1.64 -12.89 10.88
N VAL A 109 -1.31 -14.18 10.89
CA VAL A 109 -0.26 -14.73 10.05
C VAL A 109 -0.72 -16.07 9.47
N GLY A 110 -1.50 -16.81 10.27
CA GLY A 110 -2.01 -18.08 9.78
C GLY A 110 -1.01 -19.22 9.81
N THR A 111 -0.75 -19.71 11.01
CA THR A 111 0.18 -20.77 11.26
C THR A 111 -0.66 -21.93 11.81
N GLN A 112 -1.63 -21.58 12.64
CA GLN A 112 -2.54 -22.54 13.26
C GLN A 112 -4.00 -22.14 13.19
N GLU A 113 -4.81 -23.01 12.58
CA GLU A 113 -6.24 -22.78 12.43
C GLU A 113 -7.08 -23.38 13.55
N GLU A 114 -8.02 -22.60 14.08
CA GLU A 114 -8.94 -23.07 15.12
C GLU A 114 -10.08 -22.08 15.33
N VAL B 2 15.86 9.26 14.85
CA VAL B 2 15.68 10.57 15.53
C VAL B 2 15.47 11.65 14.45
N GLU B 3 16.30 11.63 13.41
CA GLU B 3 16.19 12.58 12.31
C GLU B 3 14.98 12.31 11.41
N VAL B 4 14.11 13.31 11.25
CA VAL B 4 12.92 13.17 10.40
C VAL B 4 12.62 14.46 9.64
N GLU B 5 12.26 14.31 8.36
CA GLU B 5 11.95 15.48 7.54
C GLU B 5 10.79 16.26 8.16
N HIS B 6 9.70 15.55 8.46
CA HIS B 6 8.52 16.17 9.07
C HIS B 6 7.69 15.18 9.86
N TRP B 7 6.94 15.71 10.83
CA TRP B 7 6.09 14.88 11.66
C TRP B 7 4.61 15.16 11.40
N ASN B 8 4.32 16.07 10.46
CA ASN B 8 2.93 16.36 10.12
C ASN B 8 2.73 16.07 8.64
N THR B 9 3.37 15.00 8.19
CA THR B 9 3.25 14.57 6.82
C THR B 9 1.99 13.72 6.71
N LEU B 10 1.35 13.75 5.55
CA LEU B 10 0.14 12.96 5.33
C LEU B 10 0.28 12.14 4.06
N ARG B 11 -0.31 10.94 4.08
CA ARG B 11 -0.30 10.08 2.90
C ARG B 11 -1.70 10.17 2.28
N LEU B 12 -1.77 10.75 1.08
CA LEU B 12 -3.03 10.89 0.37
C LEU B 12 -3.12 9.81 -0.69
N ARG B 13 -4.26 9.13 -0.75
CA ARG B 13 -4.46 8.09 -1.76
C ARG B 13 -5.76 8.35 -2.53
N ILE B 14 -5.62 8.40 -3.85
CA ILE B 14 -6.71 8.68 -4.78
C ILE B 14 -6.99 7.43 -5.60
N TYR B 15 -8.17 6.85 -5.39
CA TYR B 15 -8.55 5.64 -6.13
C TYR B 15 -9.56 5.92 -7.25
N ILE B 16 -9.17 5.64 -8.49
CA ILE B 16 -10.04 5.83 -9.63
C ILE B 16 -9.87 4.68 -10.61
N GLY B 17 -10.73 4.63 -11.63
CA GLY B 17 -10.65 3.59 -12.63
C GLY B 17 -9.71 4.05 -13.71
N GLU B 18 -9.09 3.09 -14.37
CA GLU B 18 -8.16 3.44 -15.43
C GLU B 18 -8.82 4.09 -16.64
N ASN B 19 -10.11 3.81 -16.84
CA ASN B 19 -10.80 4.37 -17.99
C ASN B 19 -11.53 5.65 -17.67
N ASP B 20 -11.55 6.01 -16.39
CA ASP B 20 -12.22 7.24 -15.99
C ASP B 20 -11.61 8.32 -16.85
N LYS B 21 -12.42 9.28 -17.27
CA LYS B 21 -11.91 10.36 -18.12
C LYS B 21 -12.30 11.75 -17.69
N TRP B 22 -11.52 12.72 -18.13
CA TRP B 22 -11.76 14.13 -17.85
C TRP B 22 -11.50 14.88 -19.14
N GLU B 23 -12.55 15.47 -19.71
CA GLU B 23 -12.42 16.19 -20.98
C GLU B 23 -11.74 15.29 -22.03
N GLY B 24 -12.09 14.02 -22.05
CA GLY B 24 -11.51 13.12 -23.04
C GLY B 24 -10.16 12.47 -22.75
N ARG B 25 -9.44 12.99 -21.75
CA ARG B 25 -8.12 12.43 -21.38
C ARG B 25 -8.28 11.50 -20.15
N PRO B 26 -7.35 10.56 -19.96
CA PRO B 26 -7.40 9.64 -18.80
C PRO B 26 -7.33 10.48 -17.52
N LEU B 27 -8.32 10.35 -16.65
CA LEU B 27 -8.38 11.12 -15.43
C LEU B 27 -7.13 11.11 -14.56
N TYR B 28 -6.46 9.95 -14.47
CA TYR B 28 -5.29 9.87 -13.62
C TYR B 28 -4.13 10.66 -14.19
N LYS B 29 -4.02 10.70 -15.52
CA LYS B 29 -2.94 11.45 -16.11
C LYS B 29 -3.17 12.95 -15.85
N VAL B 30 -4.42 13.43 -16.00
CA VAL B 30 -4.70 14.83 -15.73
C VAL B 30 -4.38 15.15 -14.28
N ILE B 31 -4.78 14.25 -13.39
CA ILE B 31 -4.53 14.45 -11.98
C ILE B 31 -3.03 14.59 -11.70
N VAL B 32 -2.25 13.65 -12.24
CA VAL B 32 -0.80 13.65 -12.06
C VAL B 32 -0.19 14.89 -12.69
N GLU B 33 -0.83 15.35 -13.75
CA GLU B 33 -0.39 16.53 -14.49
C GLU B 33 -0.51 17.79 -13.63
N LYS B 34 -1.66 17.90 -12.95
CA LYS B 34 -1.94 19.03 -12.09
C LYS B 34 -0.96 19.06 -10.90
N LEU B 35 -0.75 17.91 -10.27
CA LEU B 35 0.16 17.79 -9.14
C LEU B 35 1.54 18.32 -9.50
N ARG B 36 1.94 18.05 -10.74
CA ARG B 36 3.24 18.47 -11.25
C ARG B 36 3.34 20.01 -11.34
N GLU B 37 2.34 20.64 -11.93
CA GLU B 37 2.35 22.08 -12.09
C GLU B 37 1.90 22.79 -10.81
N MET B 38 1.65 22.01 -9.76
CA MET B 38 1.24 22.57 -8.48
C MET B 38 2.43 22.65 -7.53
N GLY B 39 3.53 22.01 -7.90
CA GLY B 39 4.71 22.02 -7.06
C GLY B 39 4.63 21.11 -5.85
N ILE B 40 3.93 19.99 -6.00
CA ILE B 40 3.77 19.02 -4.93
C ILE B 40 5.04 18.17 -4.82
N ALA B 41 5.37 17.77 -3.59
CA ALA B 41 6.56 16.97 -3.31
C ALA B 41 6.82 15.88 -4.34
N GLY B 42 5.82 15.03 -4.57
CA GLY B 42 5.99 13.94 -5.53
C GLY B 42 4.75 13.06 -5.55
N ALA B 43 4.81 11.97 -6.29
CA ALA B 43 3.66 11.06 -6.37
C ALA B 43 4.03 9.72 -6.97
N THR B 44 3.29 8.70 -6.57
CA THR B 44 3.51 7.36 -7.11
C THR B 44 2.16 6.83 -7.57
N VAL B 45 2.11 6.30 -8.79
CA VAL B 45 0.87 5.77 -9.35
C VAL B 45 0.96 4.26 -9.46
N TYR B 46 -0.04 3.57 -8.92
CA TYR B 46 -0.06 2.14 -9.00
C TYR B 46 -1.30 1.70 -9.76
N ARG B 47 -1.20 0.55 -10.42
CA ARG B 47 -2.34 0.00 -11.12
C ARG B 47 -2.67 -1.36 -10.52
N GLY B 48 -3.88 -1.48 -9.97
CA GLY B 48 -4.28 -2.76 -9.41
C GLY B 48 -4.57 -3.80 -10.49
N ILE B 49 -4.88 -5.04 -10.10
CA ILE B 49 -5.18 -6.05 -11.08
C ILE B 49 -6.67 -6.31 -11.03
N TYR B 50 -7.30 -5.76 -10.01
CA TYR B 50 -8.73 -5.87 -9.83
C TYR B 50 -9.16 -4.95 -8.72
N GLY B 51 -10.42 -4.51 -8.77
CA GLY B 51 -10.97 -3.64 -7.75
C GLY B 51 -12.47 -3.50 -7.92
N PHE B 52 -13.14 -2.99 -6.88
CA PHE B 52 -14.57 -2.78 -6.93
C PHE B 52 -14.91 -1.82 -5.80
N GLY B 53 -15.90 -0.96 -6.04
CA GLY B 53 -16.32 -0.02 -5.02
C GLY B 53 -17.83 -0.01 -5.03
N LYS B 54 -18.44 -0.33 -3.89
CA LYS B 54 -19.91 -0.32 -3.80
C LYS B 54 -20.35 1.04 -4.34
N LYS B 55 -19.52 2.05 -4.06
CA LYS B 55 -19.76 3.42 -4.51
C LYS B 55 -18.42 4.14 -4.61
N SER B 67 -14.56 -6.78 -14.56
CA SER B 67 -13.92 -5.49 -14.37
C SER B 67 -12.93 -5.17 -15.49
N THR B 68 -13.43 -4.44 -16.50
CA THR B 68 -12.61 -4.03 -17.63
C THR B 68 -11.90 -2.72 -17.27
N ASP B 69 -12.15 -2.23 -16.06
CA ASP B 69 -11.57 -0.98 -15.60
C ASP B 69 -10.67 -1.20 -14.38
N LEU B 70 -9.40 -1.51 -14.63
CA LEU B 70 -8.43 -1.73 -13.57
C LEU B 70 -8.32 -0.51 -12.66
N PRO B 71 -8.04 -0.73 -11.37
CA PRO B 71 -7.91 0.38 -10.41
C PRO B 71 -6.57 1.10 -10.59
N ILE B 72 -6.57 2.42 -10.48
CA ILE B 72 -5.30 3.18 -10.53
C ILE B 72 -5.31 3.93 -9.22
N ILE B 73 -4.18 3.92 -8.54
CA ILE B 73 -4.09 4.61 -7.28
C ILE B 73 -2.97 5.64 -7.37
N VAL B 74 -3.33 6.90 -7.11
CA VAL B 74 -2.36 7.97 -7.13
C VAL B 74 -2.09 8.27 -5.66
N GLU B 75 -0.83 8.14 -5.27
CA GLU B 75 -0.42 8.36 -3.89
C GLU B 75 0.50 9.56 -3.76
N VAL B 76 0.22 10.42 -2.79
CA VAL B 76 1.07 11.57 -2.59
C VAL B 76 1.39 11.79 -1.12
N VAL B 77 2.68 11.87 -0.80
CA VAL B 77 3.10 12.11 0.58
C VAL B 77 3.61 13.55 0.66
N ASP B 78 2.98 14.36 1.52
CA ASP B 78 3.39 15.74 1.64
C ASP B 78 2.91 16.37 2.94
N ARG B 79 3.22 17.65 3.12
CA ARG B 79 2.81 18.39 4.31
C ARG B 79 1.29 18.49 4.25
N GLY B 80 0.67 18.66 5.42
CA GLY B 80 -0.77 18.76 5.48
C GLY B 80 -1.42 19.80 4.59
N HIS B 81 -0.95 21.04 4.64
CA HIS B 81 -1.53 22.10 3.84
C HIS B 81 -1.50 21.79 2.34
N ASN B 82 -0.34 21.33 1.86
CA ASN B 82 -0.20 20.98 0.45
C ASN B 82 -1.26 19.95 0.04
N ILE B 83 -1.43 18.92 0.85
CA ILE B 83 -2.41 17.87 0.58
C ILE B 83 -3.84 18.42 0.61
N GLU B 84 -4.09 19.44 1.44
CA GLU B 84 -5.42 20.03 1.50
C GLU B 84 -5.71 20.73 0.17
N LYS B 85 -4.69 21.41 -0.37
CA LYS B 85 -4.83 22.11 -1.64
C LYS B 85 -5.26 21.10 -2.70
N VAL B 86 -4.47 20.05 -2.82
CA VAL B 86 -4.70 18.97 -3.78
C VAL B 86 -6.10 18.40 -3.77
N VAL B 87 -6.61 18.10 -2.58
CA VAL B 87 -7.95 17.55 -2.44
C VAL B 87 -8.96 18.52 -3.00
N ASN B 88 -8.78 19.80 -2.65
CA ASN B 88 -9.68 20.87 -3.10
C ASN B 88 -9.69 21.02 -4.61
N VAL B 89 -8.57 20.70 -5.27
CA VAL B 89 -8.47 20.80 -6.72
C VAL B 89 -9.06 19.59 -7.41
N ILE B 90 -8.75 18.42 -6.86
CA ILE B 90 -9.16 17.16 -7.44
C ILE B 90 -10.55 16.63 -7.11
N LYS B 91 -11.15 17.10 -6.01
CA LYS B 91 -12.48 16.63 -5.65
C LYS B 91 -13.50 16.75 -6.78
N PRO B 92 -13.53 17.88 -7.49
CA PRO B 92 -14.47 18.07 -8.59
C PRO B 92 -14.31 17.07 -9.74
N MET B 93 -13.06 16.75 -10.06
CA MET B 93 -12.74 15.84 -11.15
C MET B 93 -13.09 14.38 -10.88
N ILE B 94 -13.36 14.03 -9.64
CA ILE B 94 -13.66 12.64 -9.31
C ILE B 94 -15.10 12.37 -8.88
N LYS B 95 -15.86 11.73 -9.77
CA LYS B 95 -17.25 11.40 -9.45
C LYS B 95 -17.38 9.93 -9.05
N ASP B 96 -16.35 9.13 -9.34
CA ASP B 96 -16.39 7.73 -8.97
C ASP B 96 -15.00 7.22 -8.59
N GLY B 97 -14.83 6.97 -7.31
CA GLY B 97 -13.58 6.49 -6.76
C GLY B 97 -13.54 6.86 -5.28
N MET B 98 -12.35 6.97 -4.70
CA MET B 98 -12.27 7.34 -3.29
C MET B 98 -10.97 8.04 -2.93
N ILE B 99 -11.05 8.86 -1.88
CA ILE B 99 -9.91 9.63 -1.41
C ILE B 99 -9.69 9.36 0.07
N THR B 100 -8.55 8.78 0.40
CA THR B 100 -8.24 8.50 1.80
C THR B 100 -6.98 9.28 2.20
N VAL B 101 -6.84 9.48 3.51
CA VAL B 101 -5.70 10.20 4.02
C VAL B 101 -5.48 9.80 5.47
N GLU B 102 -4.20 9.59 5.82
CA GLU B 102 -3.80 9.26 7.18
C GLU B 102 -2.36 9.75 7.37
N PRO B 103 -1.95 10.01 8.61
CA PRO B 103 -0.58 10.50 8.87
C PRO B 103 0.51 9.49 8.57
N THR B 104 1.70 10.00 8.36
CA THR B 104 2.84 9.13 8.13
C THR B 104 4.10 9.93 8.45
N ILE B 105 5.19 9.24 8.72
CA ILE B 105 6.45 9.90 9.04
C ILE B 105 7.46 9.72 7.93
N VAL B 106 7.95 10.82 7.40
CA VAL B 106 8.96 10.81 6.34
C VAL B 106 10.33 10.85 7.00
N LEU B 107 11.17 9.87 6.72
CA LEU B 107 12.48 9.83 7.33
C LEU B 107 13.60 10.45 6.49
N TRP B 108 13.60 10.16 5.18
CA TRP B 108 14.63 10.67 4.27
C TRP B 108 14.11 11.34 2.99
N VAL B 109 15.07 11.79 2.17
CA VAL B 109 14.80 12.44 0.89
C VAL B 109 16.08 12.37 0.05
N GLY B 110 16.39 13.43 -0.67
CA GLY B 110 17.60 13.40 -1.48
C GLY B 110 18.49 14.62 -1.38
N VAL C 2 -13.59 19.61 5.07
CA VAL C 2 -14.34 19.77 6.34
C VAL C 2 -15.46 18.72 6.34
N GLU C 3 -15.50 17.94 5.27
CA GLU C 3 -16.50 16.88 5.14
C GLU C 3 -15.88 15.57 4.74
N VAL C 4 -15.96 14.62 5.66
CA VAL C 4 -15.40 13.29 5.46
C VAL C 4 -16.58 12.34 5.25
N GLU C 5 -16.39 11.36 4.38
CA GLU C 5 -17.45 10.41 4.05
C GLU C 5 -17.93 9.58 5.22
N HIS C 6 -17.02 8.82 5.85
CA HIS C 6 -17.42 7.95 6.95
C HIS C 6 -16.74 8.09 8.32
N TRP C 7 -17.39 7.48 9.30
CA TRP C 7 -16.96 7.45 10.69
C TRP C 7 -16.15 6.17 10.93
N ASN C 8 -15.03 6.33 11.65
CA ASN C 8 -14.10 5.23 11.98
C ASN C 8 -13.80 4.25 10.82
N THR C 9 -13.09 4.69 9.80
CA THR C 9 -12.79 3.75 8.75
C THR C 9 -11.38 3.20 9.00
N LEU C 10 -11.14 2.01 8.47
CA LEU C 10 -9.87 1.33 8.63
C LEU C 10 -9.46 0.71 7.32
N ARG C 11 -8.16 0.55 7.15
CA ARG C 11 -7.63 -0.04 5.94
C ARG C 11 -7.09 -1.44 6.28
N LEU C 12 -7.72 -2.48 5.73
CA LEU C 12 -7.33 -3.84 5.93
C LEU C 12 -6.42 -4.24 4.78
N ARG C 13 -5.30 -4.89 5.05
CA ARG C 13 -4.43 -5.36 3.99
C ARG C 13 -4.15 -6.81 4.26
N ILE C 14 -4.45 -7.62 3.26
CA ILE C 14 -4.30 -9.06 3.31
C ILE C 14 -3.21 -9.42 2.35
N TYR C 15 -2.22 -10.15 2.83
CA TYR C 15 -1.10 -10.56 2.00
C TYR C 15 -1.14 -12.06 1.83
N ILE C 16 -1.04 -12.51 0.58
CA ILE C 16 -1.08 -13.93 0.31
C ILE C 16 -0.28 -14.16 -0.94
N GLY C 17 -0.19 -15.42 -1.33
CA GLY C 17 0.54 -15.77 -2.52
C GLY C 17 -0.38 -15.88 -3.72
N GLU C 18 0.13 -15.41 -4.85
CA GLU C 18 -0.60 -15.46 -6.09
C GLU C 18 -1.04 -16.89 -6.40
N ASN C 19 -0.22 -17.86 -6.01
CA ASN C 19 -0.52 -19.25 -6.28
C ASN C 19 -1.34 -19.95 -5.20
N ASP C 20 -1.74 -19.21 -4.17
CA ASP C 20 -2.53 -19.76 -3.08
C ASP C 20 -3.91 -20.15 -3.58
N LYS C 21 -4.47 -21.22 -3.00
CA LYS C 21 -5.79 -21.67 -3.42
C LYS C 21 -6.70 -22.03 -2.27
N TRP C 22 -7.99 -22.07 -2.57
CA TRP C 22 -9.00 -22.40 -1.59
C TRP C 22 -10.08 -23.16 -2.34
N GLU C 23 -10.11 -24.47 -2.16
CA GLU C 23 -11.07 -25.32 -2.83
C GLU C 23 -10.86 -25.29 -4.33
N GLY C 24 -9.60 -25.38 -4.75
CA GLY C 24 -9.26 -25.39 -6.17
C GLY C 24 -9.32 -24.06 -6.91
N ARG C 25 -9.67 -22.98 -6.22
CA ARG C 25 -9.76 -21.65 -6.82
C ARG C 25 -8.71 -20.69 -6.29
N PRO C 26 -8.34 -19.68 -7.11
CA PRO C 26 -7.35 -18.66 -6.74
C PRO C 26 -7.89 -17.95 -5.50
N LEU C 27 -7.23 -18.19 -4.36
CA LEU C 27 -7.65 -17.63 -3.08
C LEU C 27 -8.07 -16.16 -3.09
N TYR C 28 -7.32 -15.31 -3.79
CA TYR C 28 -7.66 -13.89 -3.80
C TYR C 28 -9.00 -13.61 -4.49
N LYS C 29 -9.27 -14.29 -5.59
CA LYS C 29 -10.54 -14.09 -6.29
C LYS C 29 -11.65 -14.57 -5.34
N VAL C 30 -11.39 -15.65 -4.60
CA VAL C 30 -12.38 -16.16 -3.66
C VAL C 30 -12.64 -15.12 -2.58
N ILE C 31 -11.57 -14.52 -2.06
CA ILE C 31 -11.70 -13.49 -1.03
C ILE C 31 -12.50 -12.31 -1.56
N VAL C 32 -12.13 -11.85 -2.75
CA VAL C 32 -12.83 -10.72 -3.34
C VAL C 32 -14.30 -11.01 -3.53
N GLU C 33 -14.60 -12.25 -3.92
CA GLU C 33 -15.98 -12.67 -4.14
C GLU C 33 -16.80 -12.58 -2.87
N LYS C 34 -16.26 -13.13 -1.79
CA LYS C 34 -16.97 -13.11 -0.52
C LYS C 34 -17.19 -11.67 -0.04
N LEU C 35 -16.17 -10.83 -0.18
CA LEU C 35 -16.26 -9.42 0.22
C LEU C 35 -17.45 -8.77 -0.48
N ARG C 36 -17.55 -9.01 -1.78
CA ARG C 36 -18.64 -8.47 -2.59
C ARG C 36 -19.98 -8.98 -2.06
N GLU C 37 -20.10 -10.30 -1.90
CA GLU C 37 -21.33 -10.91 -1.38
C GLU C 37 -21.76 -10.30 -0.06
N MET C 38 -20.79 -10.11 0.83
CA MET C 38 -21.06 -9.55 2.15
C MET C 38 -21.54 -8.10 2.07
N GLY C 39 -21.28 -7.43 0.96
CA GLY C 39 -21.69 -6.05 0.81
C GLY C 39 -20.64 -5.03 1.26
N ILE C 40 -19.37 -5.43 1.20
CA ILE C 40 -18.27 -4.57 1.62
C ILE C 40 -18.12 -3.32 0.76
N ALA C 41 -17.77 -2.20 1.40
CA ALA C 41 -17.63 -0.92 0.71
C ALA C 41 -16.79 -0.95 -0.57
N GLY C 42 -15.74 -1.77 -0.59
CA GLY C 42 -14.92 -1.83 -1.78
C GLY C 42 -13.66 -2.64 -1.52
N ALA C 43 -12.79 -2.74 -2.52
CA ALA C 43 -11.54 -3.47 -2.38
C ALA C 43 -10.66 -3.25 -3.62
N THR C 44 -9.35 -3.30 -3.41
CA THR C 44 -8.38 -3.11 -4.50
C THR C 44 -7.36 -4.23 -4.35
N VAL C 45 -6.98 -4.85 -5.45
CA VAL C 45 -6.01 -5.93 -5.40
C VAL C 45 -4.72 -5.58 -6.12
N TYR C 46 -3.60 -5.75 -5.43
CA TYR C 46 -2.31 -5.47 -6.02
C TYR C 46 -1.51 -6.74 -6.19
N ARG C 47 -0.58 -6.71 -7.12
CA ARG C 47 0.30 -7.83 -7.35
C ARG C 47 1.70 -7.24 -7.20
N GLY C 48 2.51 -7.79 -6.29
CA GLY C 48 3.84 -7.27 -6.11
C GLY C 48 4.77 -7.97 -7.08
N ILE C 49 6.02 -7.54 -7.15
CA ILE C 49 6.95 -8.21 -8.05
C ILE C 49 7.83 -9.16 -7.25
N TYR C 50 7.77 -9.07 -5.92
CA TYR C 50 8.57 -9.93 -5.06
C TYR C 50 8.11 -9.83 -3.62
N GLY C 51 8.35 -10.89 -2.85
CA GLY C 51 7.99 -10.90 -1.45
C GLY C 51 8.44 -12.15 -0.73
N PHE C 52 8.56 -12.06 0.60
CA PHE C 52 8.95 -13.20 1.42
C PHE C 52 8.42 -12.99 2.85
N GLY C 53 8.14 -14.08 3.55
CA GLY C 53 7.62 -13.99 4.90
C GLY C 53 8.51 -14.63 5.95
N LYS C 54 7.92 -15.40 6.84
CA LYS C 54 8.66 -16.08 7.92
C LYS C 54 9.26 -17.39 7.43
N ILE C 64 7.29 -22.75 3.22
CA ILE C 64 7.67 -23.38 1.96
C ILE C 64 6.85 -22.82 0.79
N ARG C 65 7.37 -21.77 0.17
CA ARG C 65 6.71 -21.11 -0.95
C ARG C 65 7.74 -20.68 -2.00
N LEU C 66 7.44 -20.94 -3.26
CA LEU C 66 8.34 -20.57 -4.35
C LEU C 66 8.62 -19.07 -4.36
N SER C 67 9.85 -18.70 -4.70
CA SER C 67 10.26 -17.30 -4.76
C SER C 67 9.66 -16.62 -5.98
N THR C 68 9.15 -17.44 -6.89
CA THR C 68 8.53 -16.96 -8.11
C THR C 68 7.02 -16.79 -7.90
N ASP C 69 6.58 -17.12 -6.69
CA ASP C 69 5.16 -17.00 -6.32
C ASP C 69 4.92 -15.57 -5.88
N LEU C 70 4.55 -14.72 -6.83
CA LEU C 70 4.33 -13.30 -6.55
C LEU C 70 3.29 -13.00 -5.48
N PRO C 71 3.51 -11.89 -4.74
CA PRO C 71 2.64 -11.42 -3.66
C PRO C 71 1.34 -10.79 -4.22
N ILE C 72 0.23 -10.99 -3.51
CA ILE C 72 -1.06 -10.42 -3.91
C ILE C 72 -1.58 -9.72 -2.67
N ILE C 73 -1.87 -8.43 -2.79
CA ILE C 73 -2.39 -7.71 -1.64
C ILE C 73 -3.84 -7.27 -1.90
N VAL C 74 -4.73 -7.68 -1.02
CA VAL C 74 -6.13 -7.34 -1.14
C VAL C 74 -6.33 -6.25 -0.11
N GLU C 75 -6.69 -5.07 -0.58
CA GLU C 75 -6.90 -3.94 0.30
C GLU C 75 -8.36 -3.55 0.42
N VAL C 76 -8.82 -3.43 1.65
CA VAL C 76 -10.20 -3.05 1.92
C VAL C 76 -10.24 -1.87 2.88
N VAL C 77 -11.04 -0.87 2.52
CA VAL C 77 -11.21 0.31 3.37
C VAL C 77 -12.71 0.35 3.69
N ASP C 78 -13.06 0.25 4.97
CA ASP C 78 -14.47 0.24 5.37
C ASP C 78 -14.57 0.56 6.86
N ARG C 79 -15.80 0.63 7.35
CA ARG C 79 -16.10 0.89 8.75
C ARG C 79 -15.57 -0.25 9.64
N GLY C 80 -15.27 0.05 10.90
CA GLY C 80 -14.72 -0.93 11.83
C GLY C 80 -15.43 -2.26 11.95
N HIS C 81 -16.72 -2.26 12.25
CA HIS C 81 -17.46 -3.51 12.39
C HIS C 81 -17.38 -4.35 11.12
N ASN C 82 -17.42 -3.69 9.96
CA ASN C 82 -17.33 -4.40 8.68
C ASN C 82 -16.02 -5.13 8.49
N ILE C 83 -14.94 -4.46 8.88
CA ILE C 83 -13.61 -5.02 8.77
C ILE C 83 -13.46 -6.17 9.75
N GLU C 84 -14.09 -5.99 10.90
CA GLU C 84 -14.06 -7.00 11.95
C GLU C 84 -14.66 -8.23 11.29
N LYS C 85 -15.84 -8.06 10.71
CA LYS C 85 -16.56 -9.16 10.06
C LYS C 85 -15.75 -9.79 8.94
N VAL C 86 -15.07 -8.98 8.13
CA VAL C 86 -14.26 -9.50 7.05
C VAL C 86 -13.16 -10.41 7.60
N VAL C 87 -12.39 -9.88 8.52
CA VAL C 87 -11.30 -10.64 9.11
C VAL C 87 -11.82 -11.94 9.70
N ASN C 88 -13.02 -11.88 10.28
CA ASN C 88 -13.57 -13.09 10.89
C ASN C 88 -13.79 -14.21 9.86
N VAL C 89 -14.11 -13.79 8.64
CA VAL C 89 -14.49 -14.74 7.59
C VAL C 89 -13.28 -15.32 6.85
N ILE C 90 -12.19 -14.51 6.71
CA ILE C 90 -11.06 -14.93 5.86
C ILE C 90 -9.85 -15.49 6.63
N LYS C 91 -9.85 -15.41 7.96
CA LYS C 91 -8.74 -15.96 8.73
C LYS C 91 -8.46 -17.41 8.31
N PRO C 92 -9.52 -18.24 8.26
CA PRO C 92 -9.39 -19.66 7.87
C PRO C 92 -8.76 -19.91 6.50
N MET C 93 -8.79 -18.92 5.63
CA MET C 93 -8.25 -19.12 4.30
C MET C 93 -6.82 -18.62 4.15
N ILE C 94 -6.34 -17.85 5.13
CA ILE C 94 -4.99 -17.31 5.10
C ILE C 94 -3.96 -18.18 5.81
N LYS C 95 -3.18 -18.90 5.03
CA LYS C 95 -2.15 -19.75 5.61
C LYS C 95 -0.77 -19.15 5.27
N ASP C 96 -0.01 -18.84 6.30
CA ASP C 96 1.30 -18.24 6.13
C ASP C 96 1.30 -16.96 5.31
N GLY C 97 0.36 -16.06 5.63
CA GLY C 97 0.27 -14.80 4.93
C GLY C 97 0.31 -13.73 6.01
N MET C 98 -0.46 -12.67 5.84
CA MET C 98 -0.48 -11.62 6.85
C MET C 98 -1.65 -10.68 6.62
N ILE C 99 -2.22 -10.23 7.73
CA ILE C 99 -3.33 -9.31 7.68
C ILE C 99 -3.00 -8.14 8.59
N THR C 100 -3.09 -6.93 8.06
CA THR C 100 -2.82 -5.73 8.82
C THR C 100 -3.99 -4.78 8.73
N VAL C 101 -4.07 -3.89 9.72
CA VAL C 101 -5.11 -2.91 9.78
C VAL C 101 -4.61 -1.68 10.49
N GLU C 102 -5.11 -0.52 10.06
CA GLU C 102 -4.80 0.76 10.67
C GLU C 102 -5.80 1.78 10.14
N PRO C 103 -6.11 2.82 10.93
CA PRO C 103 -7.07 3.85 10.61
C PRO C 103 -6.68 4.65 9.38
N THR C 104 -7.70 5.30 8.86
CA THR C 104 -7.56 6.23 7.76
C THR C 104 -8.82 7.06 7.70
N ILE C 105 -8.70 8.23 7.12
CA ILE C 105 -9.90 9.01 6.93
C ILE C 105 -10.30 9.01 5.47
N VAL C 106 -11.54 8.69 5.13
CA VAL C 106 -11.91 8.71 3.72
C VAL C 106 -12.69 10.00 3.55
N LEU C 107 -12.17 10.84 2.65
CA LEU C 107 -12.74 12.15 2.36
C LEU C 107 -13.92 12.08 1.40
P AMP D . 5.47 -16.99 2.82
O1P AMP D . 5.76 -17.13 4.33
O2P AMP D . 5.12 -18.32 2.28
O3P AMP D . 6.72 -16.45 2.07
O5' AMP D . 4.25 -15.92 2.56
C5' AMP D . 4.34 -14.57 3.02
C4' AMP D . 3.85 -13.51 2.00
O4' AMP D . 3.22 -12.45 2.72
C3' AMP D . 4.99 -12.90 1.21
O3' AMP D . 4.91 -13.22 -0.16
C2' AMP D . 4.94 -11.39 1.49
O2' AMP D . 4.65 -10.62 0.34
C1' AMP D . 3.88 -11.18 2.57
N9 AMP D . 4.49 -10.81 3.90
C8 AMP D . 4.59 -11.63 5.01
N7 AMP D . 5.19 -10.97 6.03
C5 AMP D . 5.48 -9.73 5.61
C6 AMP D . 6.10 -8.67 6.28
N6 AMP D . 6.50 -8.81 7.55
N1 AMP D . 6.26 -7.46 5.57
C2 AMP D . 5.84 -7.31 4.25
N3 AMP D . 5.23 -8.39 3.59
C4 AMP D . 5.05 -9.58 4.27
P AMP E . 12.81 10.21 -7.23
O1P AMP E . 12.52 9.53 -8.59
O2P AMP E . 12.70 11.69 -7.40
O3P AMP E . 14.24 9.85 -6.75
O5' AMP E . 11.76 9.70 -6.11
C5' AMP E . 11.70 8.33 -5.75
C4' AMP E . 10.36 7.65 -6.14
O4' AMP E . 9.44 7.68 -5.07
C3' AMP E . 9.68 8.29 -7.35
O3' AMP E . 9.68 7.43 -8.46
C2' AMP E . 8.28 8.67 -6.87
O2' AMP E . 7.26 8.06 -7.63
C1' AMP E . 8.19 8.25 -5.42
N9 AMP E . 7.88 9.37 -4.49
C8 AMP E . 8.74 10.34 -4.04
N7 AMP E . 8.09 11.19 -3.21
C5 AMP E . 6.81 10.76 -3.11
C6 AMP E . 5.74 11.29 -2.40
N6 AMP E . 5.90 12.38 -1.65
N1 AMP E . 4.49 10.63 -2.49
C2 AMP E . 4.33 9.48 -3.27
N3 AMP E . 5.42 8.97 -3.99
C4 AMP E . 6.64 9.62 -3.91
P AMP F . -15.43 3.41 -9.00
O1P AMP F . -15.92 4.51 -8.03
O2P AMP F . -15.61 3.86 -10.40
O3P AMP F . -16.25 2.11 -8.75
O5' AMP F . -13.87 3.07 -8.72
C5' AMP F . -13.46 2.62 -7.45
C4' AMP F . -12.08 1.99 -7.47
O4' AMP F . -11.40 2.36 -6.27
C3' AMP F . -12.13 0.47 -7.51
O3' AMP F . -11.67 -0.07 -8.72
C2' AMP F . -11.35 0.00 -6.28
O2' AMP F . -10.14 -0.66 -6.62
C1' AMP F . -11.06 1.24 -5.45
N9 AMP F . -11.87 1.30 -4.19
C8 AMP F . -13.09 1.92 -4.00
N7 AMP F . -13.52 1.75 -2.74
C5 AMP F . -12.59 1.00 -2.10
C6 AMP F . -12.54 0.54 -0.79
N6 AMP F . -13.53 0.83 0.06
N1 AMP F . -11.42 -0.22 -0.41
C2 AMP F . -10.38 -0.52 -1.29
N3 AMP F . -10.44 -0.06 -2.60
C4 AMP F . -11.54 0.70 -2.99
#